data_2I3H
#
_entry.id   2I3H
#
_cell.length_a   87.541
_cell.length_b   87.541
_cell.length_c   73.876
_cell.angle_alpha   90.00
_cell.angle_beta   90.00
_cell.angle_gamma   90.00
#
_symmetry.space_group_name_H-M   'P 41 21 2'
#
loop_
_entity.id
_entity.type
_entity.pdbx_description
1 polymer 'Baculoviral IAP repeat-containing protein 7'
2 polymer 'AVPW peptide'
3 non-polymer 'ZINC ION'
4 non-polymer 'LITHIUM ION'
5 non-polymer 2-[BIS-(2-HYDROXY-ETHYL)-AMINO]-2-HYDROXYMETHYL-PROPANE-1,3-DIOL
6 non-polymer 1,2-ETHANEDIOL
7 water water
#
loop_
_entity_poly.entity_id
_entity_poly.type
_entity_poly.pdbx_seq_one_letter_code
_entity_poly.pdbx_strand_id
1 'polypeptide(L)'
;MGSSHHHHHHSSGEVPRGSHMLETEEEEEEGAGATLSRGPAFPGMGSEELRLASFYDWPLTAEVPPELLAAAGFFHTGHQ
DKVRCFFCYGGLQSWKRGDDPWTEHAKWFPGCQFLLRSKGQEYINNIHLTHSL
;
A,B
2 'polypeptide(L)' AVPW C,D
#
# COMPACT_ATOMS: atom_id res chain seq x y z
N GLY A 39 -20.30 11.18 11.46
CA GLY A 39 -19.65 10.34 10.41
C GLY A 39 -18.17 10.62 10.30
N PRO A 40 -17.45 9.77 9.58
CA PRO A 40 -16.00 9.92 9.43
C PRO A 40 -15.61 11.16 8.62
N ALA A 41 -14.48 11.75 8.98
CA ALA A 41 -13.91 12.89 8.26
C ALA A 41 -13.53 12.49 6.83
N PHE A 42 -13.05 11.26 6.69
CA PHE A 42 -12.52 10.73 5.43
C PHE A 42 -13.06 9.31 5.24
N PRO A 43 -14.31 9.19 4.80
CA PRO A 43 -14.95 7.85 4.67
C PRO A 43 -14.19 6.87 3.77
N GLY A 44 -13.47 7.37 2.77
CA GLY A 44 -12.75 6.54 1.83
C GLY A 44 -11.62 5.71 2.44
N MET A 45 -11.18 6.10 3.64
CA MET A 45 -10.17 5.33 4.36
C MET A 45 -10.77 4.56 5.55
N GLY A 46 -12.07 4.32 5.52
CA GLY A 46 -12.75 3.55 6.54
C GLY A 46 -12.44 2.06 6.55
N SER A 47 -11.90 1.56 5.44
CA SER A 47 -11.54 0.14 5.32
C SER A 47 -10.13 -0.09 5.86
N GLU A 48 -10.01 -1.01 6.83
CA GLU A 48 -8.70 -1.33 7.41
C GLU A 48 -7.73 -1.82 6.35
N GLU A 49 -8.23 -2.58 5.38
CA GLU A 49 -7.39 -3.11 4.31
C GLU A 49 -6.78 -1.98 3.48
N LEU A 50 -7.60 -0.97 3.13
CA LEU A 50 -7.09 0.17 2.38
C LEU A 50 -6.06 0.95 3.20
N ARG A 51 -6.30 1.10 4.49
CA ARG A 51 -5.35 1.76 5.36
C ARG A 51 -4.02 1.00 5.40
N LEU A 52 -4.09 -0.33 5.51
CA LEU A 52 -2.86 -1.12 5.55
C LEU A 52 -2.06 -0.97 4.26
N ALA A 53 -2.76 -0.98 3.12
CA ALA A 53 -2.12 -0.85 1.82
C ALA A 53 -1.37 0.47 1.68
N SER A 54 -1.83 1.50 2.40
CA SER A 54 -1.18 2.82 2.32
C SER A 54 0.24 2.82 2.89
N PHE A 55 0.56 1.82 3.71
CA PHE A 55 1.87 1.73 4.39
C PHE A 55 2.96 1.02 3.57
N TYR A 56 2.78 0.87 2.26
CA TYR A 56 3.73 0.10 1.46
C TYR A 56 5.17 0.62 1.54
N ASP A 57 5.33 1.93 1.73
CA ASP A 57 6.65 2.55 1.85
C ASP A 57 6.88 3.19 3.23
N TRP A 58 6.25 2.63 4.26
CA TRP A 58 6.43 3.06 5.64
C TRP A 58 7.88 2.86 6.07
N PRO A 59 8.51 3.91 6.62
CA PRO A 59 9.93 3.83 6.99
C PRO A 59 10.24 3.18 8.34
N LEU A 60 9.23 2.81 9.13
CA LEU A 60 9.44 2.34 10.50
C LEU A 60 8.78 0.99 10.78
N THR A 61 8.94 0.04 9.87
CA THR A 61 8.21 -1.23 9.96
C THR A 61 8.44 -1.96 11.30
N ALA A 62 9.70 -2.15 11.68
CA ALA A 62 10.03 -2.84 12.94
C ALA A 62 9.59 -2.03 14.15
N GLU A 63 9.73 -0.71 14.06
CA GLU A 63 9.55 0.18 15.20
C GLU A 63 8.07 0.36 15.57
N VAL A 64 7.22 0.56 14.56
CA VAL A 64 5.77 0.67 14.74
C VAL A 64 5.10 -0.05 13.57
N PRO A 65 4.58 -1.25 13.80
CA PRO A 65 4.02 -2.05 12.68
C PRO A 65 2.85 -1.40 11.94
N PRO A 66 2.89 -1.35 10.61
CA PRO A 66 1.73 -0.94 9.82
C PRO A 66 0.43 -1.63 10.22
N GLU A 67 0.49 -2.90 10.60
CA GLU A 67 -0.69 -3.67 10.95
C GLU A 67 -1.41 -3.03 12.14
N LEU A 68 -0.63 -2.58 13.12
CA LEU A 68 -1.19 -1.94 14.31
C LEU A 68 -1.68 -0.52 14.00
N LEU A 69 -0.93 0.21 13.19
CA LEU A 69 -1.33 1.55 12.78
C LEU A 69 -2.67 1.52 12.02
N ALA A 70 -2.80 0.63 11.05
CA ALA A 70 -4.03 0.50 10.27
C ALA A 70 -5.20 0.08 11.13
N ALA A 71 -4.95 -0.88 12.03
CA ALA A 71 -6.02 -1.34 12.93
C ALA A 71 -6.54 -0.21 13.83
N ALA A 72 -5.66 0.74 14.16
CA ALA A 72 -6.00 1.87 15.04
C ALA A 72 -6.58 3.08 14.30
N GLY A 73 -6.89 2.91 13.03
CA GLY A 73 -7.59 3.92 12.24
C GLY A 73 -6.71 4.76 11.35
N PHE A 74 -5.40 4.53 11.39
CA PHE A 74 -4.44 5.41 10.70
C PHE A 74 -4.06 4.91 9.30
N PHE A 75 -3.88 5.85 8.39
CA PHE A 75 -3.26 5.59 7.09
C PHE A 75 -1.99 6.44 6.96
N HIS A 76 -1.06 5.99 6.11
CA HIS A 76 0.16 6.72 5.85
C HIS A 76 -0.10 7.81 4.81
N THR A 77 0.28 9.05 5.13
CA THR A 77 0.19 10.14 4.15
C THR A 77 1.16 9.97 2.98
N GLY A 78 2.23 9.22 3.19
CA GLY A 78 3.29 9.07 2.20
C GLY A 78 4.47 9.98 2.46
N HIS A 79 4.32 10.90 3.42
CA HIS A 79 5.36 11.87 3.74
C HIS A 79 5.95 11.58 5.12
N GLN A 80 7.27 11.37 5.17
CA GLN A 80 7.97 11.03 6.41
C GLN A 80 7.21 9.90 7.12
N ASP A 81 6.97 10.06 8.43
CA ASP A 81 6.18 9.08 9.20
C ASP A 81 4.83 9.67 9.63
N LYS A 82 4.34 10.62 8.86
CA LYS A 82 3.06 11.25 9.12
C LYS A 82 1.92 10.32 8.76
N VAL A 83 1.05 10.06 9.75
CA VAL A 83 -0.17 9.28 9.56
C VAL A 83 -1.37 10.11 9.99
N ARG A 84 -2.56 9.67 9.59
CA ARG A 84 -3.79 10.35 9.92
C ARG A 84 -4.92 9.35 10.16
N CYS A 85 -5.78 9.63 11.13
CA CYS A 85 -6.96 8.81 11.37
C CYS A 85 -8.05 9.17 10.37
N PHE A 86 -8.67 8.16 9.77
CA PHE A 86 -9.72 8.39 8.77
C PHE A 86 -10.96 9.04 9.41
N PHE A 87 -11.18 8.78 10.69
CA PHE A 87 -12.42 9.21 11.33
C PHE A 87 -12.35 10.63 11.90
N CYS A 88 -11.38 10.88 12.78
CA CYS A 88 -11.23 12.22 13.40
C CYS A 88 -10.31 13.15 12.60
N TYR A 89 -9.58 12.61 11.64
CA TYR A 89 -8.59 13.34 10.82
C TYR A 89 -7.42 13.88 11.64
N GLY A 90 -7.20 13.31 12.82
CA GLY A 90 -6.06 13.67 13.64
C GLY A 90 -4.79 13.10 13.04
N GLY A 91 -3.76 13.93 12.93
CA GLY A 91 -2.49 13.50 12.37
C GLY A 91 -1.45 13.31 13.46
N LEU A 92 -0.62 12.28 13.31
CA LEU A 92 0.50 12.01 14.23
C LEU A 92 1.77 11.75 13.43
N GLN A 93 2.89 12.28 13.92
CA GLN A 93 4.20 12.04 13.34
C GLN A 93 5.25 11.87 14.44
N SER A 94 6.51 11.74 14.06
CA SER A 94 7.62 11.54 14.99
C SER A 94 7.38 10.34 15.91
N TRP A 95 7.04 9.21 15.29
CA TRP A 95 6.84 7.96 16.00
C TRP A 95 8.15 7.45 16.56
N LYS A 96 8.10 6.99 17.81
CA LYS A 96 9.26 6.45 18.52
C LYS A 96 9.11 4.95 18.62
N ARG A 97 10.23 4.24 18.67
CA ARG A 97 10.20 2.78 18.65
C ARG A 97 9.36 2.27 19.82
N GLY A 98 8.42 1.36 19.50
CA GLY A 98 7.56 0.77 20.50
C GLY A 98 6.35 1.61 20.91
N ASP A 99 6.17 2.79 20.32
CA ASP A 99 4.93 3.56 20.46
C ASP A 99 3.79 2.65 20.05
N ASP A 100 2.71 2.68 20.81
CA ASP A 100 1.53 1.87 20.52
C ASP A 100 0.47 2.75 19.85
N PRO A 101 0.07 2.44 18.61
CA PRO A 101 -0.90 3.27 17.89
C PRO A 101 -2.21 3.58 18.60
N TRP A 102 -2.85 2.59 19.23
CA TRP A 102 -4.08 2.84 19.95
C TRP A 102 -3.85 3.78 21.14
N THR A 103 -2.74 3.58 21.85
CA THR A 103 -2.40 4.42 23.00
C THR A 103 -2.22 5.88 22.58
N GLU A 104 -1.50 6.10 21.48
CA GLU A 104 -1.26 7.45 20.96
C GLU A 104 -2.56 8.07 20.44
N HIS A 105 -3.42 7.26 19.84
CA HIS A 105 -4.74 7.72 19.36
C HIS A 105 -5.54 8.26 20.54
N ALA A 106 -5.56 7.51 21.63
CA ALA A 106 -6.30 7.90 22.83
C ALA A 106 -5.67 9.08 23.55
N LYS A 107 -4.35 9.14 23.57
CA LYS A 107 -3.61 10.23 24.20
C LYS A 107 -3.97 11.58 23.59
N TRP A 108 -3.90 11.65 22.26
CA TRP A 108 -3.98 12.92 21.53
C TRP A 108 -5.37 13.27 21.01
N PHE A 109 -6.18 12.26 20.73
CA PHE A 109 -7.52 12.45 20.16
C PHE A 109 -8.59 11.65 20.91
N PRO A 110 -8.74 11.90 22.21
CA PRO A 110 -9.67 11.09 23.03
C PRO A 110 -11.14 11.22 22.65
N GLY A 111 -11.52 12.26 21.90
CA GLY A 111 -12.89 12.43 21.44
C GLY A 111 -13.26 11.71 20.14
N CYS A 112 -12.31 10.99 19.54
CA CYS A 112 -12.56 10.26 18.30
C CYS A 112 -13.58 9.15 18.50
N GLN A 113 -14.63 9.12 17.68
CA GLN A 113 -15.71 8.15 17.85
C GLN A 113 -15.34 6.77 17.34
N PHE A 114 -14.39 6.71 16.40
CA PHE A 114 -13.85 5.42 15.96
C PHE A 114 -13.06 4.77 17.10
N LEU A 115 -12.21 5.56 17.74
CA LEU A 115 -11.51 5.13 18.94
C LEU A 115 -12.48 4.63 20.01
N LEU A 116 -13.54 5.40 20.28
CA LEU A 116 -14.50 5.04 21.32
C LEU A 116 -15.21 3.73 20.97
N ARG A 117 -15.69 3.62 19.74
CA ARG A 117 -16.42 2.44 19.29
C ARG A 117 -15.55 1.19 19.36
N SER A 118 -14.27 1.34 19.00
CA SER A 118 -13.35 0.21 18.91
C SER A 118 -12.84 -0.24 20.26
N LYS A 119 -12.44 0.72 21.10
CA LYS A 119 -11.72 0.45 22.35
C LYS A 119 -12.50 0.68 23.64
N GLY A 120 -13.58 1.45 23.58
CA GLY A 120 -14.41 1.72 24.75
C GLY A 120 -13.90 2.86 25.60
N GLN A 121 -14.77 3.39 26.44
CA GLN A 121 -14.46 4.57 27.24
C GLN A 121 -13.46 4.28 28.35
N GLU A 122 -13.53 3.09 28.94
CA GLU A 122 -12.64 2.73 30.04
C GLU A 122 -11.18 2.78 29.62
N TYR A 123 -10.91 2.29 28.41
CA TYR A 123 -9.57 2.29 27.83
C TYR A 123 -9.04 3.71 27.67
N ILE A 124 -9.87 4.60 27.13
CA ILE A 124 -9.51 6.00 26.95
C ILE A 124 -9.24 6.69 28.30
N ASN A 125 -10.14 6.47 29.26
CA ASN A 125 -10.00 7.07 30.58
C ASN A 125 -8.71 6.65 31.28
N ASN A 126 -8.34 5.38 31.13
CA ASN A 126 -7.17 4.83 31.79
C ASN A 126 -5.86 5.39 31.24
N ILE A 127 -5.85 5.74 29.96
CA ILE A 127 -4.67 6.37 29.34
C ILE A 127 -4.47 7.79 29.87
N HIS A 128 -5.57 8.49 30.15
CA HIS A 128 -5.51 9.78 30.83
C HIS A 128 -5.59 9.57 32.34
N GLY B 39 16.88 -7.90 -1.77
CA GLY B 39 15.64 -8.59 -1.29
C GLY B 39 14.39 -7.98 -1.89
N PRO B 40 13.20 -8.39 -1.41
CA PRO B 40 11.94 -7.81 -1.91
C PRO B 40 11.88 -6.30 -1.66
N ALA B 41 11.51 -5.55 -2.68
CA ALA B 41 11.47 -4.10 -2.60
C ALA B 41 10.40 -3.61 -1.62
N PHE B 42 9.25 -4.26 -1.66
CA PHE B 42 8.08 -3.90 -0.87
C PHE B 42 7.48 -5.17 -0.27
N PRO B 43 8.13 -5.73 0.74
CA PRO B 43 7.72 -7.04 1.28
C PRO B 43 6.27 -7.09 1.75
N GLY B 44 5.77 -5.99 2.30
CA GLY B 44 4.37 -5.90 2.73
C GLY B 44 3.37 -6.12 1.60
N MET B 45 3.78 -5.79 0.38
CA MET B 45 2.94 -5.99 -0.79
C MET B 45 3.09 -7.38 -1.42
N GLY B 46 3.66 -8.34 -0.69
CA GLY B 46 3.70 -9.72 -1.15
C GLY B 46 2.33 -10.38 -1.16
N SER B 47 1.37 -9.79 -0.44
CA SER B 47 0.00 -10.27 -0.41
C SER B 47 -0.74 -9.74 -1.62
N GLU B 48 -1.23 -10.64 -2.48
CA GLU B 48 -2.01 -10.25 -3.65
C GLU B 48 -3.26 -9.47 -3.26
N GLU B 49 -3.89 -9.86 -2.14
CA GLU B 49 -5.06 -9.15 -1.63
C GLU B 49 -4.73 -7.67 -1.34
N LEU B 50 -3.59 -7.42 -0.71
CA LEU B 50 -3.17 -6.05 -0.41
C LEU B 50 -2.78 -5.29 -1.68
N ARG B 51 -2.16 -5.96 -2.64
CA ARG B 51 -1.85 -5.33 -3.92
C ARG B 51 -3.14 -4.91 -4.61
N LEU B 52 -4.16 -5.77 -4.59
CA LEU B 52 -5.44 -5.43 -5.18
C LEU B 52 -6.09 -4.23 -4.46
N ALA B 53 -6.00 -4.21 -3.14
CA ALA B 53 -6.54 -3.10 -2.34
C ALA B 53 -5.98 -1.75 -2.76
N SER B 54 -4.70 -1.72 -3.14
CA SER B 54 -4.00 -0.48 -3.50
C SER B 54 -4.62 0.24 -4.72
N PHE B 55 -5.36 -0.53 -5.52
CA PHE B 55 -6.05 -0.01 -6.70
C PHE B 55 -7.43 0.62 -6.40
N TYR B 56 -7.75 0.90 -5.14
CA TYR B 56 -9.02 1.54 -4.81
C TYR B 56 -9.17 2.88 -5.55
N ASP B 57 -8.04 3.53 -5.83
CA ASP B 57 -8.01 4.83 -6.50
C ASP B 57 -7.35 4.78 -7.88
N TRP B 58 -7.41 3.62 -8.53
CA TRP B 58 -6.96 3.45 -9.91
C TRP B 58 -7.71 4.45 -10.78
N PRO B 59 -7.03 5.14 -11.70
CA PRO B 59 -7.70 6.14 -12.54
C PRO B 59 -8.87 5.59 -13.33
N LEU B 60 -9.95 6.36 -13.41
CA LEU B 60 -11.13 5.95 -14.17
C LEU B 60 -10.87 5.96 -15.69
N THR B 61 -9.76 6.59 -16.09
CA THR B 61 -9.30 6.62 -17.48
C THR B 61 -8.40 5.44 -17.84
N ALA B 62 -8.05 4.61 -16.86
CA ALA B 62 -7.08 3.54 -17.08
C ALA B 62 -7.63 2.46 -18.01
N GLU B 63 -6.73 1.72 -18.63
CA GLU B 63 -7.10 0.82 -19.73
C GLU B 63 -6.79 -0.65 -19.45
N VAL B 64 -6.23 -0.93 -18.28
CA VAL B 64 -5.89 -2.30 -17.87
C VAL B 64 -6.44 -2.52 -16.46
N PRO B 65 -7.09 -3.65 -16.21
CA PRO B 65 -7.78 -3.87 -14.92
C PRO B 65 -6.87 -4.17 -13.72
N PRO B 66 -7.19 -3.57 -12.56
CA PRO B 66 -6.50 -3.92 -11.31
C PRO B 66 -6.32 -5.41 -11.05
N GLU B 67 -7.33 -6.24 -11.32
CA GLU B 67 -7.27 -7.66 -11.00
C GLU B 67 -6.05 -8.32 -11.68
N LEU B 68 -5.84 -8.01 -12.95
CA LEU B 68 -4.72 -8.57 -13.70
C LEU B 68 -3.37 -8.01 -13.24
N LEU B 69 -3.33 -6.72 -12.94
CA LEU B 69 -2.10 -6.08 -12.49
C LEU B 69 -1.62 -6.67 -11.16
N ALA B 70 -2.52 -6.77 -10.19
CA ALA B 70 -2.18 -7.33 -8.88
C ALA B 70 -1.69 -8.78 -9.00
N ALA B 71 -2.31 -9.55 -9.89
CA ALA B 71 -1.91 -10.95 -10.11
C ALA B 71 -0.48 -11.09 -10.62
N ALA B 72 -0.01 -10.09 -11.35
CA ALA B 72 1.34 -10.08 -11.92
C ALA B 72 2.39 -9.42 -11.01
N GLY B 73 2.04 -9.20 -9.74
CA GLY B 73 2.99 -8.69 -8.77
C GLY B 73 2.96 -7.18 -8.57
N PHE B 74 2.10 -6.49 -9.31
CA PHE B 74 2.06 -5.03 -9.31
C PHE B 74 1.08 -4.47 -8.29
N PHE B 75 1.45 -3.35 -7.68
CA PHE B 75 0.55 -2.57 -6.86
C PHE B 75 0.63 -1.09 -7.26
N HIS B 76 -0.44 -0.38 -6.97
CA HIS B 76 -0.60 1.03 -7.33
C HIS B 76 0.05 1.93 -6.30
N THR B 77 0.77 2.93 -6.76
CA THR B 77 1.46 3.88 -5.86
C THR B 77 0.63 5.13 -5.55
N GLY B 78 -0.60 5.20 -6.07
CA GLY B 78 -1.50 6.29 -5.76
C GLY B 78 -1.41 7.51 -6.65
N HIS B 79 -0.61 7.43 -7.72
CA HIS B 79 -0.43 8.55 -8.65
C HIS B 79 -0.57 8.08 -10.09
N GLN B 80 -1.47 8.72 -10.83
CA GLN B 80 -1.78 8.33 -12.19
C GLN B 80 -2.02 6.80 -12.24
N ASP B 81 -1.58 6.13 -13.29
CA ASP B 81 -1.68 4.66 -13.40
C ASP B 81 -0.33 3.99 -13.15
N LYS B 82 0.46 4.59 -12.27
CA LYS B 82 1.79 4.11 -11.92
C LYS B 82 1.68 2.93 -10.97
N VAL B 83 2.35 1.83 -11.32
CA VAL B 83 2.45 0.66 -10.47
C VAL B 83 3.90 0.26 -10.30
N ARG B 84 4.18 -0.50 -9.25
CA ARG B 84 5.49 -1.11 -9.04
C ARG B 84 5.32 -2.58 -8.68
N CYS B 85 6.31 -3.39 -9.06
CA CYS B 85 6.36 -4.77 -8.61
C CYS B 85 6.84 -4.80 -7.16
N PHE B 86 6.14 -5.56 -6.33
CA PHE B 86 6.49 -5.65 -4.92
C PHE B 86 7.86 -6.27 -4.72
N PHE B 87 8.31 -7.10 -5.69
CA PHE B 87 9.57 -7.78 -5.52
C PHE B 87 10.77 -7.02 -6.11
N CYS B 88 10.70 -6.69 -7.41
CA CYS B 88 11.86 -6.13 -8.11
C CYS B 88 11.91 -4.60 -8.20
N TYR B 89 10.85 -3.96 -7.70
CA TYR B 89 10.71 -2.49 -7.72
C TYR B 89 10.29 -1.93 -9.08
N GLY B 90 10.33 -2.74 -10.14
CA GLY B 90 10.06 -2.24 -11.47
C GLY B 90 8.76 -1.48 -11.56
N GLY B 91 8.82 -0.26 -12.09
CA GLY B 91 7.66 0.60 -12.20
C GLY B 91 7.19 0.73 -13.64
N LEU B 92 5.88 0.64 -13.85
CA LEU B 92 5.29 0.85 -15.17
C LEU B 92 4.08 1.77 -15.08
N GLN B 93 3.92 2.62 -16.08
CA GLN B 93 2.75 3.48 -16.19
C GLN B 93 2.34 3.59 -17.65
N SER B 94 1.34 4.42 -17.94
CA SER B 94 0.82 4.58 -19.30
C SER B 94 0.42 3.24 -19.91
N TRP B 95 -0.31 2.46 -19.13
CA TRP B 95 -0.88 1.20 -19.56
C TRP B 95 -1.89 1.42 -20.71
N LYS B 96 -1.72 0.67 -21.79
CA LYS B 96 -2.56 0.80 -22.98
C LYS B 96 -3.53 -0.37 -23.09
N ARG B 97 -4.63 -0.18 -23.80
CA ARG B 97 -5.60 -1.27 -24.01
C ARG B 97 -4.88 -2.45 -24.64
N GLY B 98 -5.11 -3.63 -24.10
CA GLY B 98 -4.50 -4.84 -24.63
C GLY B 98 -3.16 -5.18 -24.02
N ASP B 99 -2.61 -4.29 -23.20
CA ASP B 99 -1.37 -4.60 -22.48
C ASP B 99 -1.68 -5.73 -21.51
N ASP B 100 -0.75 -6.68 -21.44
CA ASP B 100 -0.88 -7.83 -20.56
C ASP B 100 0.16 -7.67 -19.47
N PRO B 101 -0.28 -7.49 -18.21
CA PRO B 101 0.66 -7.26 -17.11
C PRO B 101 1.86 -8.21 -17.02
N TRP B 102 1.65 -9.51 -17.17
CA TRP B 102 2.77 -10.46 -17.10
C TRP B 102 3.74 -10.25 -18.25
N THR B 103 3.21 -9.98 -19.44
CA THR B 103 4.05 -9.72 -20.60
C THR B 103 4.91 -8.48 -20.41
N GLU B 104 4.30 -7.40 -19.91
CA GLU B 104 5.04 -6.16 -19.65
C GLU B 104 6.08 -6.36 -18.54
N HIS B 105 5.75 -7.16 -17.52
CA HIS B 105 6.67 -7.51 -16.43
C HIS B 105 7.93 -8.12 -17.03
N ALA B 106 7.74 -9.05 -17.95
CA ALA B 106 8.86 -9.77 -18.56
C ALA B 106 9.65 -8.90 -19.54
N LYS B 107 8.94 -8.07 -20.31
CA LYS B 107 9.57 -7.18 -21.27
C LYS B 107 10.57 -6.24 -20.59
N TRP B 108 10.11 -5.61 -19.50
CA TRP B 108 10.86 -4.52 -18.88
C TRP B 108 11.79 -4.96 -17.74
N PHE B 109 11.41 -6.03 -17.04
CA PHE B 109 12.14 -6.48 -15.84
C PHE B 109 12.39 -7.99 -15.88
N PRO B 110 13.10 -8.44 -16.92
CA PRO B 110 13.34 -9.88 -17.12
C PRO B 110 14.15 -10.56 -15.99
N GLY B 111 14.84 -9.78 -15.18
CA GLY B 111 15.62 -10.31 -14.06
C GLY B 111 14.86 -10.51 -12.76
N CYS B 112 13.59 -10.13 -12.73
CA CYS B 112 12.77 -10.23 -11.52
C CYS B 112 12.62 -11.68 -11.06
N GLN B 113 12.93 -11.94 -9.80
CA GLN B 113 12.84 -13.30 -9.24
C GLN B 113 11.40 -13.76 -9.03
N PHE B 114 10.48 -12.83 -8.75
CA PHE B 114 9.06 -13.17 -8.65
C PHE B 114 8.52 -13.60 -10.02
N LEU B 115 8.86 -12.85 -11.06
CA LEU B 115 8.54 -13.23 -12.43
C LEU B 115 9.07 -14.62 -12.80
N LEU B 116 10.33 -14.89 -12.46
CA LEU B 116 10.97 -16.15 -12.82
C LEU B 116 10.27 -17.33 -12.13
N ARG B 117 10.01 -17.16 -10.84
CA ARG B 117 9.34 -18.18 -10.05
C ARG B 117 7.90 -18.44 -10.54
N SER B 118 7.25 -17.38 -11.00
CA SER B 118 5.85 -17.43 -11.42
C SER B 118 5.67 -18.01 -12.82
N LYS B 119 6.55 -17.64 -13.75
CA LYS B 119 6.37 -17.93 -15.17
C LYS B 119 7.44 -18.82 -15.79
N GLY B 120 8.64 -18.82 -15.23
CA GLY B 120 9.74 -19.62 -15.74
C GLY B 120 10.58 -18.84 -16.74
N GLN B 121 11.79 -19.33 -16.99
CA GLN B 121 12.74 -18.63 -17.84
C GLN B 121 12.35 -18.68 -19.31
N GLU B 122 11.76 -19.79 -19.75
CA GLU B 122 11.38 -19.96 -21.15
C GLU B 122 10.37 -18.89 -21.57
N TYR B 123 9.42 -18.61 -20.68
CA TYR B 123 8.41 -17.58 -20.90
C TYR B 123 9.06 -16.22 -21.10
N ILE B 124 10.02 -15.89 -20.25
CA ILE B 124 10.73 -14.61 -20.32
C ILE B 124 11.53 -14.51 -21.61
N ASN B 125 12.32 -15.55 -21.90
CA ASN B 125 13.15 -15.57 -23.10
C ASN B 125 12.31 -15.43 -24.35
N ASN B 126 11.20 -16.16 -24.40
CA ASN B 126 10.32 -16.13 -25.57
C ASN B 126 9.81 -14.74 -25.88
N ILE B 127 9.47 -13.97 -24.84
CA ILE B 127 8.98 -12.62 -25.02
C ILE B 127 10.08 -11.74 -25.63
N HIS B 128 11.30 -11.89 -25.15
CA HIS B 128 12.41 -11.10 -25.71
C HIS B 128 12.82 -11.52 -27.10
N LEU B 129 12.67 -12.80 -27.43
CA LEU B 129 13.01 -13.28 -28.76
C LEU B 129 11.96 -12.85 -29.78
N THR B 130 10.69 -12.89 -29.40
CA THR B 130 9.61 -12.50 -30.31
C THR B 130 9.70 -11.04 -30.70
N HIS B 131 10.03 -10.20 -29.73
CA HIS B 131 10.07 -8.75 -29.94
C HIS B 131 11.34 -8.28 -30.64
N SER B 132 12.38 -9.12 -30.68
CA SER B 132 13.64 -8.79 -31.35
C SER B 132 13.76 -9.36 -32.77
N LEU B 133 12.81 -10.19 -33.20
CA LEU B 133 12.78 -10.69 -34.57
C LEU B 133 11.96 -9.75 -35.46
N ALA C 1 4.59 9.57 19.87
CA ALA C 1 4.29 10.41 18.67
C ALA C 1 3.69 11.74 19.10
N VAL C 2 3.60 12.67 18.17
CA VAL C 2 3.03 14.00 18.44
C VAL C 2 2.16 14.46 17.27
N PRO C 3 1.16 15.31 17.54
CA PRO C 3 0.31 15.82 16.46
C PRO C 3 1.02 16.74 15.46
N TRP C 4 0.48 16.88 14.26
CA TRP C 4 0.98 17.87 13.28
C TRP C 4 -0.12 18.56 12.48
N ALA D 1 2.95 -0.51 -21.85
CA ALA D 1 3.33 0.34 -20.70
C ALA D 1 4.78 0.78 -20.80
N VAL D 2 5.15 1.83 -20.08
CA VAL D 2 6.52 2.36 -20.07
C VAL D 2 7.06 2.51 -18.63
N PRO D 3 8.37 2.39 -18.45
CA PRO D 3 8.95 2.50 -17.10
C PRO D 3 8.92 3.92 -16.52
N TRP D 4 8.85 4.04 -15.19
CA TRP D 4 8.89 5.36 -14.53
C TRP D 4 9.73 5.40 -13.26
#